data_2CYF
#
_entry.id   2CYF
#
_cell.length_a   67.033
_cell.length_b   97.332
_cell.length_c   71.086
_cell.angle_alpha   90.00
_cell.angle_beta   90.00
_cell.angle_gamma   90.00
#
_symmetry.space_group_name_H-M   'P 21 21 2'
#
loop_
_entity.id
_entity.type
_entity.pdbx_description
1 polymer Lectin
2 branched alpha-D-glucopyranose-(1-4)-alpha-D-glucopyranose
3 non-polymer 'CALCIUM ION'
4 non-polymer 'MANGANESE (II) ION'
5 water water
#
_entity_poly.entity_id   1
_entity_poly.type   'polypeptide(L)'
_entity_poly.pdbx_seq_one_letter_code
;ADTIVAVELDTYPNTDIGDPSYPHIGIDIKSVRSKKTAKWNMQNGKVGTAHIIYNSVGKRLSAVVSYPNGDSATVSYDVD
LDNVLPEWVRVGLSASTGLYKETNTILSWSFTSKLKSNSTHETNALHFVFNQFSKDQKDLILQGDATTGTDGNLELTRVS
SNGSPQGSSVGRALFYAPVHIWESSAVVASFDATFTFLIKSSDSHPADGIAFFISNIDSSIPSGSTGRLLGLFPDAN
;
_entity_poly.pdbx_strand_id   A,C
#
loop_
_chem_comp.id
_chem_comp.type
_chem_comp.name
_chem_comp.formula
CA non-polymer 'CALCIUM ION' 'Ca 2'
GLC D-saccharide, alpha linking alpha-D-glucopyranose 'C6 H12 O6'
MN non-polymer 'MANGANESE (II) ION' 'Mn 2'
#
# COMPACT_ATOMS: atom_id res chain seq x y z
N ALA A 1 -0.55 19.60 16.50
CA ALA A 1 0.39 18.48 16.68
C ALA A 1 -0.21 17.25 15.98
N ASP A 2 0.65 16.31 15.60
CA ASP A 2 0.14 15.01 15.14
C ASP A 2 -0.81 14.42 16.16
N THR A 3 -1.59 13.46 15.68
CA THR A 3 -2.42 12.60 16.53
C THR A 3 -1.73 11.26 16.47
N ILE A 4 -1.41 10.70 17.62
CA ILE A 4 -0.69 9.43 17.65
C ILE A 4 -1.44 8.41 18.45
N VAL A 5 -1.58 7.22 17.87
CA VAL A 5 -1.92 6.03 18.64
C VAL A 5 -0.71 5.15 18.50
N ALA A 6 -0.23 4.63 19.61
CA ALA A 6 0.98 3.83 19.52
C ALA A 6 0.98 2.70 20.52
N VAL A 7 1.68 1.65 20.17
CA VAL A 7 2.05 0.60 21.04
C VAL A 7 3.53 0.77 21.17
N GLU A 8 3.95 1.03 22.40
CA GLU A 8 5.36 1.22 22.72
C GLU A 8 5.94 0.01 23.41
N LEU A 9 7.13 -0.32 22.98
CA LEU A 9 8.02 -1.28 23.60
C LEU A 9 9.04 -0.37 24.23
N ASP A 10 8.80 -0.07 25.49
CA ASP A 10 9.49 1.00 26.12
C ASP A 10 10.58 0.38 26.98
N THR A 11 11.81 0.45 26.53
CA THR A 11 12.85 -0.25 27.22
C THR A 11 13.39 0.49 28.43
N TYR A 12 13.02 1.75 28.57
CA TYR A 12 13.68 2.57 29.56
C TYR A 12 12.67 3.28 30.43
N PRO A 13 12.66 2.99 31.71
CA PRO A 13 11.69 3.62 32.61
C PRO A 13 12.02 5.10 32.89
N ASN A 14 11.12 5.99 32.46
CA ASN A 14 11.24 7.42 32.69
C ASN A 14 10.15 7.74 33.70
N THR A 15 10.42 7.57 35.00
CA THR A 15 9.31 7.55 35.96
C THR A 15 8.71 8.94 36.23
N ASP A 16 9.39 10.02 35.82
CA ASP A 16 8.77 11.34 36.03
C ASP A 16 7.99 11.84 34.81
N ILE A 17 7.89 11.00 33.76
CA ILE A 17 6.80 11.10 32.80
C ILE A 17 5.80 9.94 32.92
N GLY A 18 5.78 9.29 34.08
CA GLY A 18 4.74 8.34 34.40
C GLY A 18 4.95 6.92 33.90
N ASP A 19 6.08 6.65 33.26
CA ASP A 19 6.44 5.28 32.98
C ASP A 19 6.40 4.51 34.25
N PRO A 20 6.08 3.22 34.19
CA PRO A 20 6.29 2.37 35.37
C PRO A 20 7.79 2.22 35.59
N SER A 21 8.19 1.68 36.73
CA SER A 21 9.62 1.59 37.04
C SER A 21 10.20 0.27 36.55
N TYR A 22 9.91 -0.07 35.32
CA TYR A 22 10.50 -1.20 34.67
C TYR A 22 10.22 -1.03 33.20
N PRO A 23 11.00 -1.70 32.34
CA PRO A 23 10.70 -1.76 30.93
C PRO A 23 9.29 -2.35 30.79
N HIS A 24 8.60 -1.92 29.75
CA HIS A 24 7.18 -2.18 29.67
C HIS A 24 6.74 -2.03 28.26
N ILE A 25 5.61 -2.66 27.97
CA ILE A 25 4.88 -2.35 26.79
C ILE A 25 3.70 -1.46 27.19
N GLY A 26 3.31 -0.61 26.29
CA GLY A 26 2.31 0.38 26.57
C GLY A 26 1.44 0.68 25.39
N ILE A 27 0.20 1.02 25.66
CA ILE A 27 -0.69 1.56 24.66
C ILE A 27 -0.77 3.06 24.88
N ASP A 28 -0.39 3.79 23.85
CA ASP A 28 -0.34 5.24 23.97
C ASP A 28 -1.43 5.78 23.10
N ILE A 29 -2.34 6.57 23.71
CA ILE A 29 -3.37 7.26 22.98
C ILE A 29 -3.17 8.76 23.16
N LYS A 30 -2.58 9.35 22.15
CA LYS A 30 -2.39 10.77 22.05
C LYS A 30 -1.51 11.32 23.17
N SER A 31 -0.76 10.44 23.81
CA SER A 31 0.13 10.80 24.90
C SER A 31 1.18 9.74 25.03
N VAL A 32 2.42 10.17 25.21
CA VAL A 32 3.49 9.23 25.61
C VAL A 32 3.21 8.58 26.97
N ARG A 33 2.37 9.19 27.80
CA ARG A 33 2.01 8.53 29.03
C ARG A 33 0.93 7.49 28.75
N SER A 34 1.36 6.24 28.66
CA SER A 34 0.53 5.14 28.24
C SER A 34 -0.72 5.04 29.08
N LYS A 35 -1.84 4.79 28.40
CA LYS A 35 -3.09 4.52 29.04
C LYS A 35 -3.09 3.19 29.77
N LYS A 36 -2.26 2.28 29.29
CA LYS A 36 -2.13 0.98 29.89
C LYS A 36 -0.71 0.52 29.61
N THR A 37 -0.11 -0.15 30.60
CA THR A 37 1.20 -0.76 30.41
C THR A 37 1.22 -2.13 31.02
N ALA A 38 2.24 -2.88 30.65
CA ALA A 38 2.54 -4.18 31.25
C ALA A 38 4.02 -4.32 31.31
N LYS A 39 4.48 -4.96 32.37
CA LYS A 39 5.91 -5.22 32.56
C LYS A 39 6.44 -6.07 31.42
N TRP A 40 7.58 -5.66 30.88
CA TRP A 40 8.16 -6.30 29.74
C TRP A 40 9.63 -6.57 29.97
N ASN A 41 10.03 -7.83 29.83
CA ASN A 41 11.42 -8.22 29.87
C ASN A 41 11.96 -8.21 28.45
N MET A 42 12.67 -7.13 28.09
CA MET A 42 13.36 -7.06 26.84
C MET A 42 14.61 -8.00 26.97
N GLN A 43 14.81 -8.88 26.01
CA GLN A 43 15.84 -9.89 26.09
C GLN A 43 16.90 -9.39 25.15
N ASN A 44 17.98 -8.89 25.76
CA ASN A 44 19.00 -8.19 25.04
C ASN A 44 19.53 -9.06 23.94
N GLY A 45 19.53 -8.54 22.72
CA GLY A 45 20.12 -9.24 21.61
C GLY A 45 19.26 -10.34 21.02
N LYS A 46 18.10 -10.60 21.58
CA LYS A 46 17.20 -11.57 21.03
C LYS A 46 16.18 -10.89 20.10
N VAL A 47 15.68 -11.67 19.15
CA VAL A 47 14.68 -11.17 18.20
C VAL A 47 13.30 -11.31 18.87
N GLY A 48 12.62 -10.18 19.02
CA GLY A 48 11.31 -10.13 19.62
C GLY A 48 10.29 -10.02 18.54
N THR A 49 9.06 -10.35 18.87
CA THR A 49 7.96 -10.15 17.97
C THR A 49 6.91 -9.39 18.73
N ALA A 50 6.42 -8.31 18.12
CA ALA A 50 5.28 -7.61 18.62
C ALA A 50 4.11 -7.84 17.70
N HIS A 51 2.95 -8.12 18.31
CA HIS A 51 1.69 -8.23 17.59
C HIS A 51 0.73 -7.23 18.17
N ILE A 52 0.11 -6.47 17.30
CA ILE A 52 -0.81 -5.44 17.70
C ILE A 52 -2.11 -5.73 16.98
N ILE A 53 -3.20 -5.65 17.70
CA ILE A 53 -4.48 -6.07 17.22
C ILE A 53 -5.50 -5.06 17.64
N TYR A 54 -6.30 -4.64 16.66
CA TYR A 54 -7.50 -3.85 16.99
C TYR A 54 -8.69 -4.20 16.14
N ASN A 55 -9.90 -4.20 16.69
CA ASN A 55 -11.06 -4.05 15.80
C ASN A 55 -12.13 -3.10 16.32
N SER A 56 -12.91 -2.56 15.39
CA SER A 56 -13.94 -1.61 15.73
C SER A 56 -15.07 -2.28 16.51
N VAL A 57 -15.08 -3.62 16.57
CA VAL A 57 -16.16 -4.34 17.21
C VAL A 57 -15.90 -4.46 18.72
N GLY A 58 -14.85 -5.16 19.12
CA GLY A 58 -14.54 -5.23 20.54
C GLY A 58 -13.92 -3.97 21.10
N LYS A 59 -13.41 -3.11 20.21
CA LYS A 59 -12.83 -1.81 20.55
C LYS A 59 -11.80 -2.01 21.64
N ARG A 60 -10.86 -2.86 21.34
CA ARG A 60 -9.82 -3.17 22.28
C ARG A 60 -8.54 -3.21 21.53
N LEU A 61 -7.68 -2.25 21.79
CA LEU A 61 -6.34 -2.24 21.20
C LEU A 61 -5.47 -3.12 22.05
N SER A 62 -4.92 -4.16 21.46
CA SER A 62 -4.13 -5.10 22.19
C SER A 62 -2.76 -5.27 21.56
N ALA A 63 -1.79 -5.55 22.40
CA ALA A 63 -0.47 -5.87 21.93
C ALA A 63 0.16 -6.95 22.77
N VAL A 64 0.95 -7.80 22.14
CA VAL A 64 1.71 -8.79 22.85
C VAL A 64 3.10 -8.68 22.30
N VAL A 65 4.10 -8.71 23.17
CA VAL A 65 5.46 -8.76 22.71
C VAL A 65 6.09 -10.01 23.24
N SER A 66 6.73 -10.79 22.38
CA SER A 66 7.22 -12.08 22.83
C SER A 66 8.58 -12.35 22.28
N TYR A 67 9.23 -13.30 22.93
CA TYR A 67 10.48 -13.78 22.52
C TYR A 67 10.38 -15.27 22.32
N PRO A 68 11.30 -15.81 21.52
CA PRO A 68 11.33 -17.20 21.20
C PRO A 68 11.32 -18.15 22.42
N ASN A 69 11.86 -17.73 23.57
CA ASN A 69 11.80 -18.59 24.75
C ASN A 69 10.39 -18.70 25.35
N GLY A 70 9.48 -17.86 24.87
CA GLY A 70 8.06 -17.90 25.21
C GLY A 70 7.63 -16.82 26.15
N ASP A 71 8.59 -16.05 26.66
CA ASP A 71 8.27 -15.01 27.59
C ASP A 71 7.50 -13.98 26.82
N SER A 72 6.52 -13.41 27.45
CA SER A 72 5.81 -12.39 26.71
C SER A 72 5.05 -11.47 27.64
N ALA A 73 4.72 -10.32 27.11
CA ALA A 73 4.04 -9.33 27.85
C ALA A 73 2.92 -8.87 26.96
N THR A 74 1.77 -8.63 27.57
CA THR A 74 0.59 -8.26 26.84
C THR A 74 -0.07 -7.10 27.51
N VAL A 75 -0.60 -6.21 26.71
CA VAL A 75 -1.34 -5.05 27.19
C VAL A 75 -2.52 -4.83 26.28
N SER A 76 -3.63 -4.42 26.86
CA SER A 76 -4.82 -4.21 26.10
C SER A 76 -5.45 -2.97 26.65
N TYR A 77 -6.08 -2.20 25.79
CA TYR A 77 -6.75 -1.01 26.21
C TYR A 77 -8.03 -0.82 25.44
N ASP A 78 -9.12 -0.64 26.16
CA ASP A 78 -10.40 -0.43 25.53
C ASP A 78 -10.52 0.97 25.05
N VAL A 79 -10.63 1.11 23.73
CA VAL A 79 -10.68 2.39 23.12
C VAL A 79 -11.34 2.26 21.75
N ASP A 80 -12.15 3.26 21.48
CA ASP A 80 -12.78 3.39 20.19
C ASP A 80 -11.95 4.32 19.34
N LEU A 81 -11.12 3.74 18.50
CA LEU A 81 -10.16 4.51 17.75
C LEU A 81 -10.81 5.39 16.68
N ASP A 82 -12.06 5.08 16.34
CA ASP A 82 -12.86 5.96 15.51
C ASP A 82 -12.95 7.36 16.12
N ASN A 83 -12.78 7.43 17.44
CA ASN A 83 -12.88 8.68 18.17
C ASN A 83 -11.55 9.29 18.47
N VAL A 84 -10.47 8.65 18.05
CA VAL A 84 -9.18 9.28 18.24
C VAL A 84 -8.44 9.53 16.96
N LEU A 85 -8.47 8.58 16.03
CA LEU A 85 -7.72 8.73 14.80
C LEU A 85 -8.49 9.45 13.71
N PRO A 86 -7.77 10.12 12.81
CA PRO A 86 -8.38 10.61 11.57
C PRO A 86 -8.77 9.39 10.76
N GLU A 87 -9.74 9.51 9.87
CA GLU A 87 -10.12 8.35 9.01
C GLU A 87 -8.95 7.83 8.25
N TRP A 88 -8.12 8.75 7.79
CA TRP A 88 -6.95 8.38 7.06
C TRP A 88 -5.72 8.63 7.87
N VAL A 89 -4.79 7.69 7.79
CA VAL A 89 -3.64 7.69 8.63
C VAL A 89 -2.45 7.16 7.85
N ARG A 90 -1.28 7.29 8.44
CA ARG A 90 -0.17 6.47 8.06
C ARG A 90 0.18 5.66 9.27
N VAL A 91 0.81 4.57 9.01
CA VAL A 91 1.21 3.62 10.01
C VAL A 91 2.70 3.52 9.90
N GLY A 92 3.32 3.26 11.03
CA GLY A 92 4.75 3.32 11.11
C GLY A 92 5.32 2.63 12.30
N LEU A 93 6.63 2.59 12.29
CA LEU A 93 7.46 2.18 13.39
C LEU A 93 8.35 3.37 13.74
N SER A 94 8.55 3.55 15.02
CA SER A 94 9.37 4.60 15.51
C SER A 94 10.27 4.04 16.56
N ALA A 95 11.42 4.66 16.73
CA ALA A 95 12.24 4.27 17.83
C ALA A 95 13.14 5.44 18.15
N SER A 96 13.73 5.38 19.31
CA SER A 96 14.61 6.44 19.74
C SER A 96 15.64 5.90 20.70
N THR A 97 16.68 6.69 20.87
CA THR A 97 17.60 6.50 21.96
C THR A 97 17.80 7.85 22.59
N GLY A 98 18.44 7.87 23.75
CA GLY A 98 18.55 9.13 24.49
C GLY A 98 19.92 9.16 25.10
N LEU A 99 20.00 9.35 26.40
CA LEU A 99 21.29 9.18 27.08
C LEU A 99 21.76 7.75 26.87
N TYR A 100 20.83 6.81 27.07
CA TYR A 100 21.15 5.41 26.90
C TYR A 100 20.62 4.99 25.56
N LYS A 101 21.09 3.86 25.07
CA LYS A 101 20.90 3.46 23.69
C LYS A 101 20.77 2.00 23.52
N GLU A 102 20.30 1.65 22.34
CA GLU A 102 20.12 0.31 21.94
C GLU A 102 19.96 0.36 20.43
N THR A 103 20.24 -0.77 19.79
CA THR A 103 19.85 -0.95 18.43
C THR A 103 18.33 -1.04 18.45
N ASN A 104 17.72 -0.46 17.43
CA ASN A 104 16.28 -0.51 17.26
C ASN A 104 16.01 -1.06 15.89
N THR A 105 16.39 -2.32 15.75
CA THR A 105 16.44 -3.00 14.48
C THR A 105 15.12 -3.71 14.23
N ILE A 106 14.50 -3.42 13.09
CA ILE A 106 13.29 -4.10 12.70
C ILE A 106 13.68 -5.09 11.61
N LEU A 107 13.33 -6.34 11.86
CA LEU A 107 13.64 -7.43 10.99
C LEU A 107 12.47 -7.71 10.07
N SER A 108 11.28 -7.41 10.55
CA SER A 108 10.10 -7.57 9.70
C SER A 108 8.97 -6.74 10.22
N TRP A 109 8.04 -6.43 9.33
CA TRP A 109 6.85 -5.70 9.72
C TRP A 109 5.74 -6.02 8.77
N SER A 110 4.62 -6.43 9.31
CA SER A 110 3.43 -6.60 8.49
C SER A 110 2.34 -5.77 9.08
N PHE A 111 1.35 -5.48 8.25
CA PHE A 111 0.24 -4.65 8.65
C PHE A 111 -0.92 -5.05 7.80
N THR A 112 -2.10 -5.18 8.40
CA THR A 112 -3.31 -5.37 7.67
C THR A 112 -4.36 -4.46 8.27
N SER A 113 -5.08 -3.77 7.41
CA SER A 113 -6.23 -3.08 7.81
C SER A 113 -7.37 -3.42 6.85
N LYS A 114 -8.56 -3.60 7.39
CA LYS A 114 -9.68 -3.98 6.56
C LYS A 114 -10.85 -3.14 7.01
N LEU A 115 -11.63 -2.65 6.05
CA LEU A 115 -12.92 -2.05 6.38
C LEU A 115 -13.93 -2.97 5.77
N LYS A 116 -14.82 -3.54 6.58
CA LYS A 116 -15.79 -4.52 6.06
C LYS A 116 -17.17 -3.96 6.22
N THR A 123 -15.33 -5.08 0.85
CA THR A 123 -14.25 -4.74 1.78
C THR A 123 -13.20 -3.87 1.09
N ASN A 124 -12.70 -2.82 1.79
CA ASN A 124 -11.43 -2.17 1.47
C ASN A 124 -10.39 -2.71 2.39
N ALA A 125 -9.20 -2.92 1.86
CA ALA A 125 -8.16 -3.50 2.65
C ALA A 125 -6.82 -3.08 2.16
N LEU A 126 -5.90 -3.04 3.10
CA LEU A 126 -4.49 -2.84 2.78
C LEU A 126 -3.73 -3.83 3.61
N HIS A 127 -2.84 -4.57 2.98
CA HIS A 127 -1.95 -5.41 3.72
C HIS A 127 -0.57 -5.28 3.12
N PHE A 128 0.40 -5.11 3.97
CA PHE A 128 1.78 -5.23 3.50
C PHE A 128 2.56 -6.08 4.46
N VAL A 129 3.60 -6.71 3.92
CA VAL A 129 4.55 -7.36 4.74
C VAL A 129 5.92 -7.16 4.15
N PHE A 130 6.81 -6.79 5.05
CA PHE A 130 8.21 -6.76 4.79
C PHE A 130 8.85 -7.79 5.68
N ASN A 131 9.34 -8.86 5.12
CA ASN A 131 10.16 -9.76 5.90
C ASN A 131 11.63 -9.50 5.62
N GLN A 132 11.90 -8.74 4.57
CA GLN A 132 13.22 -8.19 4.28
C GLN A 132 13.01 -6.76 3.86
N PHE A 133 13.83 -5.86 4.37
CA PHE A 133 13.87 -4.53 3.87
C PHE A 133 14.97 -4.40 2.85
N SER A 134 14.80 -3.48 1.90
CA SER A 134 15.78 -3.22 0.88
C SER A 134 16.42 -1.92 1.22
N LYS A 135 17.62 -1.72 0.69
CA LYS A 135 18.36 -0.49 0.86
C LYS A 135 17.61 0.73 0.39
N ASP A 136 16.88 0.58 -0.68
CA ASP A 136 16.05 1.68 -1.17
C ASP A 136 14.64 1.13 -1.10
N GLN A 137 13.99 1.35 0.01
CA GLN A 137 12.69 0.74 0.24
C GLN A 137 11.66 1.79 -0.11
N LYS A 138 11.30 1.82 -1.37
CA LYS A 138 10.54 2.93 -1.90
C LYS A 138 9.15 3.07 -1.29
N ASP A 139 8.62 1.98 -0.71
CA ASP A 139 7.28 2.03 -0.12
C ASP A 139 7.33 2.28 1.39
N LEU A 140 8.50 2.70 1.86
CA LEU A 140 8.65 3.24 3.14
C LEU A 140 9.09 4.70 3.11
N ILE A 141 8.46 5.47 3.94
CA ILE A 141 8.88 6.83 4.20
C ILE A 141 9.74 6.77 5.46
N LEU A 142 11.04 6.98 5.29
CA LEU A 142 11.96 7.01 6.39
C LEU A 142 12.11 8.44 6.90
N GLN A 143 12.06 8.56 8.19
CA GLN A 143 12.12 9.83 8.84
C GLN A 143 13.22 9.76 9.89
N GLY A 144 13.87 10.90 10.05
CA GLY A 144 14.94 11.01 11.01
C GLY A 144 16.08 10.10 10.68
N ASP A 145 16.53 9.35 11.66
CA ASP A 145 17.74 8.52 11.53
C ASP A 145 17.51 7.15 10.91
N ALA A 146 16.26 6.85 10.60
CA ALA A 146 15.92 5.51 10.14
C ALA A 146 16.54 5.22 8.80
N THR A 147 17.07 4.02 8.66
CA THR A 147 17.64 3.55 7.43
C THR A 147 17.27 2.10 7.23
N THR A 148 17.32 1.70 5.96
CA THR A 148 17.26 0.31 5.57
C THR A 148 18.54 -0.08 4.85
N GLY A 149 18.85 -1.37 4.94
CA GLY A 149 19.56 -2.16 3.91
C GLY A 149 21.05 -2.10 4.05
N THR A 150 21.78 -3.06 3.48
CA THR A 150 21.26 -4.18 2.68
C THR A 150 21.27 -5.48 3.48
N ASP A 151 21.38 -5.40 4.82
CA ASP A 151 21.26 -6.59 5.66
C ASP A 151 19.80 -7.09 5.83
N GLY A 152 18.88 -6.48 5.10
CA GLY A 152 17.50 -6.95 5.14
C GLY A 152 16.72 -6.29 6.26
N ASN A 153 17.36 -5.42 7.03
CA ASN A 153 16.73 -4.81 8.19
C ASN A 153 16.47 -3.33 8.09
N LEU A 154 15.59 -2.88 8.96
CA LEU A 154 15.29 -1.47 9.11
C LEU A 154 15.88 -1.05 10.44
N GLU A 155 16.90 -0.17 10.41
CA GLU A 155 17.45 0.36 11.65
C GLU A 155 16.75 1.66 11.86
N LEU A 156 15.81 1.66 12.81
CA LEU A 156 15.05 2.87 13.12
C LEU A 156 15.95 3.96 13.70
N THR A 157 16.93 3.56 14.48
CA THR A 157 17.84 4.56 15.01
C THR A 157 19.26 4.31 14.58
N ARG A 158 20.08 5.34 14.77
CA ARG A 158 21.42 5.32 14.20
C ARG A 158 22.25 4.24 14.89
N VAL A 159 22.93 3.45 14.06
CA VAL A 159 23.94 2.53 14.54
C VAL A 159 25.18 2.84 13.71
N SER A 160 26.32 2.99 14.36
CA SER A 160 27.57 3.33 13.67
C SER A 160 28.12 2.09 12.98
N SER A 161 29.21 2.24 12.21
CA SER A 161 29.79 1.10 11.44
C SER A 161 30.10 -0.10 12.32
N ASN A 162 30.66 0.17 13.50
CA ASN A 162 31.06 -0.91 14.41
C ASN A 162 29.85 -1.62 15.04
N GLY A 163 28.66 -1.16 14.68
CA GLY A 163 27.43 -1.77 15.14
C GLY A 163 26.97 -1.25 16.48
N SER A 164 27.57 -0.16 16.94
CA SER A 164 27.18 0.42 18.21
C SER A 164 26.06 1.43 17.98
N PRO A 165 24.94 1.27 18.69
CA PRO A 165 23.85 2.23 18.59
C PRO A 165 24.27 3.59 19.13
N GLN A 166 23.71 4.65 18.59
CA GLN A 166 24.09 6.00 18.99
C GLN A 166 22.98 6.60 19.82
N GLY A 167 23.35 7.53 20.70
CA GLY A 167 22.40 8.15 21.57
C GLY A 167 21.68 9.28 20.88
N SER A 168 20.63 9.76 21.50
CA SER A 168 19.82 10.84 20.97
C SER A 168 19.53 10.69 19.47
N SER A 169 19.11 9.48 19.12
CA SER A 169 18.76 9.11 17.76
C SER A 169 17.26 8.94 17.78
N VAL A 170 16.59 9.32 16.71
CA VAL A 170 15.17 9.03 16.54
C VAL A 170 14.98 8.75 15.07
N GLY A 171 14.15 7.76 14.76
CA GLY A 171 13.84 7.56 13.41
C GLY A 171 12.55 6.80 13.32
N ARG A 172 11.94 6.90 12.17
CA ARG A 172 10.70 6.18 11.91
C ARG A 172 10.62 5.75 10.49
N ALA A 173 9.69 4.82 10.26
CA ALA A 173 9.45 4.28 8.96
C ALA A 173 7.96 4.24 8.87
N LEU A 174 7.41 4.96 7.91
CA LEU A 174 5.98 4.94 7.67
C LEU A 174 5.69 4.22 6.37
N PHE A 175 4.57 3.52 6.32
CA PHE A 175 4.25 2.90 5.10
C PHE A 175 3.85 4.01 4.16
N TYR A 176 4.26 3.88 2.92
CA TYR A 176 4.11 4.96 1.96
C TYR A 176 2.67 5.45 1.77
N ALA A 177 1.74 4.50 1.65
CA ALA A 177 0.38 4.83 1.31
C ALA A 177 -0.38 5.19 2.56
N PRO A 178 -1.23 6.20 2.48
CA PRO A 178 -2.16 6.46 3.53
C PRO A 178 -3.05 5.23 3.67
N VAL A 179 -3.58 5.03 4.86
CA VAL A 179 -4.41 3.91 5.19
C VAL A 179 -5.73 4.45 5.67
N HIS A 180 -6.80 3.86 5.15
CA HIS A 180 -8.13 4.26 5.54
C HIS A 180 -8.51 3.38 6.72
N ILE A 181 -8.23 3.86 7.91
CA ILE A 181 -8.19 3.04 9.09
C ILE A 181 -9.57 2.85 9.67
N TRP A 182 -10.44 3.81 9.45
CA TRP A 182 -11.85 3.62 9.82
C TRP A 182 -12.70 4.36 8.87
N GLU A 183 -13.95 3.96 8.82
CA GLU A 183 -14.90 4.66 8.00
C GLU A 183 -16.21 4.36 8.70
N SER A 184 -17.06 5.36 8.87
CA SER A 184 -18.11 5.20 9.87
C SER A 184 -19.11 4.14 9.53
N SER A 185 -19.30 3.86 8.25
CA SER A 185 -20.22 2.78 7.83
C SER A 185 -19.61 1.38 7.94
N ALA A 186 -18.29 1.30 8.05
CA ALA A 186 -17.64 -0.01 8.23
C ALA A 186 -18.24 -0.74 9.43
N VAL A 187 -18.71 -1.94 9.18
CA VAL A 187 -19.19 -2.80 10.26
C VAL A 187 -18.02 -3.30 11.09
N VAL A 188 -16.91 -3.57 10.40
CA VAL A 188 -15.66 -3.92 11.05
C VAL A 188 -14.54 -3.11 10.43
N ALA A 189 -13.79 -2.43 11.25
CA ALA A 189 -12.60 -1.72 10.83
C ALA A 189 -11.56 -2.32 11.75
N SER A 190 -10.78 -3.25 11.26
CA SER A 190 -9.84 -3.95 12.11
C SER A 190 -8.49 -3.62 11.53
N PHE A 191 -7.49 -3.56 12.39
CA PHE A 191 -6.15 -3.62 11.89
C PHE A 191 -5.32 -4.56 12.74
N ASP A 192 -4.27 -5.07 12.14
CA ASP A 192 -3.26 -5.78 12.90
C ASP A 192 -1.91 -5.42 12.35
N ALA A 193 -0.93 -5.48 13.22
CA ALA A 193 0.45 -5.27 12.83
C ALA A 193 1.28 -6.26 13.59
N THR A 194 2.33 -6.72 12.95
CA THR A 194 3.33 -7.53 13.57
C THR A 194 4.67 -6.97 13.12
N PHE A 195 5.57 -6.88 14.06
CA PHE A 195 6.96 -6.68 13.71
C PHE A 195 7.87 -7.49 14.59
N THR A 196 9.02 -7.81 14.03
CA THR A 196 10.06 -8.41 14.75
C THR A 196 11.19 -7.40 14.84
N PHE A 197 11.93 -7.51 15.90
CA PHE A 197 12.92 -6.49 16.26
C PHE A 197 14.04 -7.14 17.01
N ILE A 199 16.42 -5.59 19.56
CA ILE A 199 17.00 -4.64 20.53
C ILE A 199 18.23 -5.21 21.24
N LYS A 200 19.35 -4.54 21.04
CA LYS A 200 20.57 -4.96 21.70
C LYS A 200 21.31 -3.73 22.16
N SER A 201 21.93 -3.86 23.31
CA SER A 201 22.64 -2.74 23.89
C SER A 201 23.73 -3.30 24.78
N SER A 202 24.85 -2.62 24.80
CA SER A 202 25.86 -2.93 25.81
C SER A 202 25.88 -1.80 26.81
N ASP A 203 24.94 -0.87 26.69
CA ASP A 203 24.77 0.12 27.71
C ASP A 203 24.41 -0.54 29.04
N SER A 204 24.56 0.22 30.13
CA SER A 204 24.09 -0.25 31.42
C SER A 204 22.58 -0.42 31.45
N HIS A 205 21.92 0.33 30.60
CA HIS A 205 20.49 0.26 30.39
C HIS A 205 20.23 0.48 28.94
N PRO A 206 19.40 -0.35 28.34
CA PRO A 206 18.95 -0.06 26.97
C PRO A 206 17.94 1.09 27.03
N ALA A 207 17.87 1.90 25.98
CA ALA A 207 16.81 2.86 25.82
C ALA A 207 16.76 3.22 24.34
N ASP A 208 15.65 3.77 23.85
CA ASP A 208 14.49 4.11 24.64
C ASP A 208 13.31 3.24 24.30
N GLY A 209 13.35 2.63 23.15
CA GLY A 209 12.25 1.74 22.79
C GLY A 209 11.91 1.85 21.35
N ILE A 210 10.90 1.05 21.01
CA ILE A 210 10.35 1.03 19.67
C ILE A 210 8.83 1.14 19.79
N ALA A 211 8.20 1.80 18.83
CA ALA A 211 6.73 1.86 18.82
C ALA A 211 6.23 1.50 17.47
N PHE A 212 5.09 0.82 17.46
CA PHE A 212 4.27 0.80 16.28
C PHE A 212 3.28 1.93 16.52
N PHE A 213 3.08 2.71 15.48
CA PHE A 213 2.19 3.85 15.59
C PHE A 213 1.35 4.11 14.37
N ILE A 214 0.28 4.83 14.63
CA ILE A 214 -0.65 5.20 13.63
C ILE A 214 -0.80 6.67 13.87
N SER A 215 -0.76 7.41 12.77
CA SER A 215 -0.66 8.84 12.84
C SER A 215 -1.44 9.47 11.76
N ASN A 216 -1.70 10.76 11.89
CA ASN A 216 -2.16 11.51 10.73
C ASN A 216 -1.20 11.30 9.54
N ILE A 217 -1.72 11.46 8.34
CA ILE A 217 -0.97 11.09 7.15
C ILE A 217 0.31 11.87 6.99
N ASP A 218 0.30 13.12 7.46
CA ASP A 218 1.44 14.00 7.30
C ASP A 218 2.31 14.03 8.55
N SER A 219 2.24 12.97 9.34
CA SER A 219 2.97 12.94 10.58
C SER A 219 4.47 13.00 10.32
N SER A 220 5.17 13.78 11.12
CA SER A 220 6.62 13.88 11.03
C SER A 220 7.16 13.73 12.46
N ILE A 221 8.45 13.47 12.58
CA ILE A 221 9.04 13.33 13.92
C ILE A 221 8.90 14.67 14.62
N PRO A 222 8.29 14.73 15.80
CA PRO A 222 8.21 16.01 16.53
C PRO A 222 9.59 16.48 16.94
N SER A 223 9.83 17.80 16.87
CA SER A 223 11.16 18.25 17.25
C SER A 223 11.33 17.82 18.69
N GLY A 224 12.53 17.41 19.02
CA GLY A 224 12.89 17.07 20.40
C GLY A 224 12.23 15.82 20.94
N SER A 225 12.00 14.84 20.07
CA SER A 225 11.28 13.64 20.48
C SER A 225 12.23 12.45 20.55
N THR A 226 13.53 12.71 20.63
CA THR A 226 14.44 11.61 20.97
C THR A 226 14.11 11.18 22.38
N GLY A 227 14.87 10.20 22.82
CA GLY A 227 14.75 9.71 24.15
C GLY A 227 13.36 9.24 24.48
N ARG A 228 12.87 9.69 25.62
CA ARG A 228 11.66 9.13 26.19
C ARG A 228 10.42 9.39 25.33
N LEU A 229 10.51 10.32 24.39
CA LEU A 229 9.33 10.59 23.58
C LEU A 229 9.18 9.67 22.38
N LEU A 230 10.18 8.86 22.11
CA LEU A 230 10.05 7.74 21.16
C LEU A 230 9.82 8.15 19.74
N GLY A 231 10.14 9.39 19.43
CA GLY A 231 9.85 9.90 18.12
C GLY A 231 8.40 10.12 17.81
N LEU A 232 7.56 10.05 18.82
CA LEU A 232 6.12 10.11 18.59
C LEU A 232 5.48 11.39 19.04
N PHE A 233 6.05 12.03 20.04
CA PHE A 233 5.36 13.10 20.72
C PHE A 233 6.24 14.30 20.93
N PRO A 234 5.65 15.50 20.85
CA PRO A 234 6.44 16.73 21.02
C PRO A 234 6.78 17.00 22.47
N ASP A 235 6.09 16.35 23.39
CA ASP A 235 6.33 16.53 24.80
C ASP A 235 5.75 15.34 25.51
N ALA A 236 5.89 15.35 26.83
CA ALA A 236 5.47 14.23 27.64
C ALA A 236 4.11 14.45 28.28
N ASN A 237 3.30 15.37 27.78
CA ASN A 237 2.02 15.63 28.43
C ASN A 237 1.06 14.45 28.30
N ALA B 1 10.50 7.85 -22.16
CA ALA B 1 9.07 7.49 -22.00
C ALA B 1 8.92 6.51 -20.85
N ASP B 2 7.70 6.41 -20.34
CA ASP B 2 7.40 5.42 -19.33
C ASP B 2 7.62 4.03 -19.85
N THR B 3 7.69 3.10 -18.91
CA THR B 3 7.67 1.72 -19.25
C THR B 3 6.31 1.19 -18.82
N ILE B 4 5.62 0.56 -19.77
CA ILE B 4 4.27 0.07 -19.56
C ILE B 4 4.11 -1.42 -19.85
N VAL B 5 3.52 -2.11 -18.88
CA VAL B 5 2.99 -3.41 -19.11
C VAL B 5 1.52 -3.31 -18.79
N ALA B 6 0.68 -3.83 -19.65
CA ALA B 6 -0.75 -3.62 -19.46
C ALA B 6 -1.58 -4.72 -19.98
N VAL B 7 -2.75 -4.85 -19.37
CA VAL B 7 -3.80 -5.65 -19.90
C VAL B 7 -4.87 -4.69 -20.32
N GLU B 8 -5.14 -4.67 -21.61
CA GLU B 8 -6.10 -3.75 -22.15
C GLU B 8 -7.42 -4.47 -22.44
N LEU B 9 -8.47 -3.76 -22.09
CA LEU B 9 -9.83 -4.11 -22.43
C LEU B 9 -10.19 -3.06 -23.46
N ASP B 10 -10.02 -3.43 -24.71
CA ASP B 10 -10.03 -2.51 -25.79
C ASP B 10 -11.35 -2.62 -26.49
N THR B 11 -12.15 -1.60 -26.29
CA THR B 11 -13.50 -1.64 -26.77
C THR B 11 -13.62 -1.23 -28.21
N TYR B 12 -12.57 -0.61 -28.74
CA TYR B 12 -12.68 -0.02 -30.06
C TYR B 12 -11.56 -0.49 -30.98
N PRO B 13 -11.87 -1.21 -32.03
CA PRO B 13 -10.86 -1.64 -33.01
C PRO B 13 -10.23 -0.44 -33.75
N ASN B 14 -8.97 -0.20 -33.49
CA ASN B 14 -8.15 0.69 -34.26
C ASN B 14 -7.30 -0.20 -35.15
N THR B 15 -7.92 -0.74 -36.19
CA THR B 15 -7.25 -1.76 -36.99
C THR B 15 -6.08 -1.20 -37.73
N ASP B 16 -6.01 0.12 -37.84
CA ASP B 16 -4.87 0.79 -38.44
C ASP B 16 -3.61 0.80 -37.57
N ILE B 17 -3.73 0.49 -36.28
CA ILE B 17 -2.53 0.35 -35.41
C ILE B 17 -2.43 -1.05 -34.81
N GLY B 18 -2.90 -2.04 -35.58
CA GLY B 18 -2.78 -3.45 -35.23
C GLY B 18 -3.89 -4.06 -34.42
N ASP B 19 -4.90 -3.29 -34.02
CA ASP B 19 -5.98 -3.90 -33.30
C ASP B 19 -6.61 -4.91 -34.17
N PRO B 20 -7.05 -6.01 -33.60
CA PRO B 20 -7.89 -6.88 -34.37
C PRO B 20 -9.15 -6.11 -34.71
N SER B 21 -9.89 -6.60 -35.69
CA SER B 21 -11.05 -5.86 -36.14
C SER B 21 -12.28 -6.20 -35.30
N TYR B 22 -12.09 -6.29 -33.99
CA TYR B 22 -13.20 -6.42 -33.04
C TYR B 22 -12.66 -5.89 -31.70
N PRO B 23 -13.56 -5.59 -30.76
CA PRO B 23 -13.13 -5.34 -29.38
C PRO B 23 -12.43 -6.59 -28.89
N HIS B 24 -11.47 -6.39 -28.01
CA HIS B 24 -10.58 -7.48 -27.69
C HIS B 24 -9.96 -7.12 -26.37
N ILE B 25 -9.44 -8.14 -25.71
CA ILE B 25 -8.54 -7.91 -24.62
C ILE B 25 -7.13 -8.19 -25.16
N GLY B 26 -6.16 -7.52 -24.59
CA GLY B 26 -4.80 -7.59 -25.05
C GLY B 26 -3.80 -7.49 -23.95
N ILE B 27 -2.63 -8.08 -24.19
CA ILE B 27 -1.52 -7.89 -23.31
C ILE B 27 -0.55 -6.96 -24.01
N ASP B 28 -0.27 -5.86 -23.35
CA ASP B 28 0.59 -4.80 -23.91
C ASP B 28 1.88 -4.73 -23.17
N ILE B 29 2.98 -4.96 -23.87
CA ILE B 29 4.29 -4.91 -23.27
C ILE B 29 5.00 -3.83 -24.04
N LYS B 30 5.10 -2.68 -23.40
CA LYS B 30 5.78 -1.51 -23.90
C LYS B 30 5.27 -1.00 -25.26
N SER B 31 4.07 -1.43 -25.64
CA SER B 31 3.43 -0.98 -26.87
C SER B 31 1.93 -1.11 -26.77
N VAL B 32 1.22 -0.18 -27.36
CA VAL B 32 -0.20 -0.31 -27.46
C VAL B 32 -0.61 -1.41 -28.42
N ARG B 33 0.35 -1.85 -29.27
CA ARG B 33 0.06 -2.91 -30.19
C ARG B 33 0.32 -4.16 -29.45
N SER B 34 -0.79 -4.78 -29.05
CA SER B 34 -0.79 -5.86 -28.10
C SER B 34 0.05 -6.99 -28.64
N LYS B 35 0.79 -7.63 -27.75
CA LYS B 35 1.57 -8.80 -28.12
C LYS B 35 0.66 -9.99 -28.32
N LYS B 36 -0.50 -9.97 -27.70
CA LYS B 36 -1.48 -11.04 -27.88
C LYS B 36 -2.82 -10.42 -27.58
N THR B 37 -3.86 -10.83 -28.31
CA THR B 37 -5.20 -10.36 -28.04
C THR B 37 -6.13 -11.54 -28.12
N ALA B 38 -7.33 -11.34 -27.59
CA ALA B 38 -8.43 -12.26 -27.76
C ALA B 38 -9.64 -11.44 -28.03
N LYS B 39 -10.53 -11.98 -28.86
CA LYS B 39 -11.78 -11.34 -29.14
C LYS B 39 -12.60 -11.22 -27.85
N TRP B 40 -13.11 -10.03 -27.62
CA TRP B 40 -13.85 -9.76 -26.41
C TRP B 40 -15.21 -9.16 -26.73
N ASN B 41 -16.24 -9.80 -26.21
CA ASN B 41 -17.57 -9.24 -26.28
C ASN B 41 -17.80 -8.33 -25.11
N MET B 42 -17.61 -7.04 -25.33
CA MET B 42 -17.90 -6.09 -24.27
C MET B 42 -19.43 -6.00 -24.20
N GLN B 43 -19.98 -6.07 -23.00
CA GLN B 43 -21.41 -6.10 -22.81
C GLN B 43 -21.83 -4.75 -22.29
N ASN B 44 -22.38 -3.96 -23.18
CA ASN B 44 -22.73 -2.61 -22.85
C ASN B 44 -23.59 -2.53 -21.61
N GLY B 45 -23.15 -1.71 -20.66
CA GLY B 45 -23.91 -1.46 -19.46
C GLY B 45 -23.85 -2.56 -18.42
N LYS B 46 -23.16 -3.66 -18.71
CA LYS B 46 -23.03 -4.76 -17.77
C LYS B 46 -21.72 -4.55 -16.99
N VAL B 47 -21.68 -5.12 -15.79
CA VAL B 47 -20.51 -5.07 -14.94
C VAL B 47 -19.65 -6.28 -15.32
N GLY B 48 -18.46 -6.01 -15.84
CA GLY B 48 -17.48 -7.01 -16.17
C GLY B 48 -16.46 -7.14 -15.06
N THR B 49 -15.72 -8.23 -15.12
CA THR B 49 -14.67 -8.48 -14.17
C THR B 49 -13.46 -8.90 -14.96
N ALA B 50 -12.33 -8.32 -14.59
CA ALA B 50 -11.07 -8.65 -15.18
C ALA B 50 -10.17 -9.19 -14.07
N HIS B 51 -9.53 -10.31 -14.32
CA HIS B 51 -8.51 -10.85 -13.47
C HIS B 51 -7.26 -10.95 -14.31
N ILE B 52 -6.18 -10.52 -13.71
CA ILE B 52 -4.86 -10.53 -14.30
C ILE B 52 -3.96 -11.29 -13.35
N ILE B 53 -3.12 -12.13 -13.90
CA ILE B 53 -2.28 -13.00 -13.10
C ILE B 53 -0.95 -13.06 -13.77
N TYR B 54 0.11 -12.97 -12.96
CA TYR B 54 1.46 -13.25 -13.44
C TYR B 54 2.31 -13.84 -12.31
N ASN B 55 3.22 -14.75 -12.63
CA ASN B 55 4.24 -15.09 -11.67
C ASN B 55 5.53 -15.33 -12.40
N SER B 56 6.61 -15.13 -11.67
CA SER B 56 7.95 -15.14 -12.21
C SER B 56 8.35 -16.55 -12.57
N VAL B 57 7.54 -17.53 -12.21
CA VAL B 57 7.93 -18.96 -12.39
C VAL B 57 7.41 -19.38 -13.76
N GLY B 58 6.11 -19.28 -13.96
CA GLY B 58 5.54 -19.58 -15.28
C GLY B 58 5.82 -18.53 -16.34
N LYS B 59 6.04 -17.28 -15.91
CA LYS B 59 6.35 -16.16 -16.76
C LYS B 59 5.33 -16.06 -17.83
N ARG B 60 4.08 -16.05 -17.38
CA ARG B 60 2.99 -15.97 -18.32
C ARG B 60 2.04 -14.97 -17.72
N LEU B 61 1.91 -13.85 -18.42
CA LEU B 61 0.95 -12.85 -18.01
C LEU B 61 -0.41 -13.25 -18.59
N SER B 62 -1.38 -13.44 -17.72
CA SER B 62 -2.69 -13.88 -18.14
C SER B 62 -3.76 -12.93 -17.69
N ALA B 63 -4.84 -12.89 -18.46
CA ALA B 63 -6.01 -12.13 -18.08
C ALA B 63 -7.25 -12.81 -18.58
N VAL B 64 -8.31 -12.70 -17.80
CA VAL B 64 -9.62 -13.16 -18.20
C VAL B 64 -10.54 -11.99 -17.95
N VAL B 65 -11.46 -11.75 -18.87
CA VAL B 65 -12.50 -10.75 -18.66
C VAL B 65 -13.83 -11.45 -18.82
N SER B 66 -14.68 -11.33 -17.80
CA SER B 66 -15.93 -12.07 -17.79
C SER B 66 -17.07 -11.13 -17.40
N TYR B 67 -18.27 -11.53 -17.80
CA TYR B 67 -19.48 -10.86 -17.38
C TYR B 67 -20.42 -11.85 -16.74
N PRO B 68 -21.42 -11.35 -16.00
CA PRO B 68 -22.35 -12.22 -15.25
C PRO B 68 -23.02 -13.29 -16.08
N ASN B 69 -23.21 -13.12 -17.39
CA ASN B 69 -23.84 -14.17 -18.20
C ASN B 69 -22.93 -15.34 -18.55
N GLY B 70 -21.67 -15.25 -18.11
CA GLY B 70 -20.71 -16.32 -18.30
C GLY B 70 -19.73 -16.06 -19.40
N ASP B 71 -20.02 -15.13 -20.28
CA ASP B 71 -19.14 -14.93 -21.37
C ASP B 71 -17.83 -14.41 -20.84
N SER B 72 -16.74 -14.90 -21.41
CA SER B 72 -15.42 -14.44 -21.03
C SER B 72 -14.48 -14.49 -22.19
N ALA B 73 -13.42 -13.71 -22.10
CA ALA B 73 -12.35 -13.78 -23.05
C ALA B 73 -11.06 -13.87 -22.24
N THR B 74 -10.09 -14.60 -22.74
CA THR B 74 -8.88 -14.78 -22.01
C THR B 74 -7.75 -14.58 -22.96
N VAL B 75 -6.66 -14.05 -22.47
CA VAL B 75 -5.46 -13.87 -23.23
C VAL B 75 -4.30 -14.08 -22.29
N SER B 76 -3.27 -14.72 -22.81
CA SER B 76 -2.06 -15.00 -22.06
C SER B 76 -0.89 -14.75 -22.95
N TYR B 77 0.20 -14.33 -22.35
CA TYR B 77 1.39 -13.96 -23.09
C TYR B 77 2.56 -14.35 -22.25
N ASP B 78 3.44 -15.16 -22.83
CA ASP B 78 4.65 -15.56 -22.16
C ASP B 78 5.64 -14.43 -22.21
N VAL B 79 5.99 -13.94 -21.05
CA VAL B 79 6.88 -12.82 -20.98
C VAL B 79 7.57 -12.87 -19.64
N ASP B 80 8.85 -12.53 -19.62
CA ASP B 80 9.55 -12.46 -18.36
C ASP B 80 9.59 -10.98 -17.97
N LEU B 81 8.71 -10.62 -17.06
CA LEU B 81 8.55 -9.24 -16.68
C LEU B 81 9.73 -8.68 -15.94
N ASP B 82 10.58 -9.55 -15.39
CA ASP B 82 11.87 -9.12 -14.83
C ASP B 82 12.69 -8.33 -15.79
N ASN B 83 12.57 -8.68 -17.05
CA ASN B 83 13.30 -8.05 -18.13
C ASN B 83 12.60 -6.87 -18.75
N VAL B 84 11.38 -6.54 -18.30
CA VAL B 84 10.71 -5.42 -18.91
C VAL B 84 10.46 -4.31 -17.89
N LEU B 85 9.97 -4.69 -16.73
CA LEU B 85 9.62 -3.74 -15.71
C LEU B 85 10.78 -3.33 -14.84
N PRO B 86 10.77 -2.09 -14.40
CA PRO B 86 11.69 -1.66 -13.36
C PRO B 86 11.34 -2.43 -12.10
N GLU B 87 12.31 -2.53 -11.20
CA GLU B 87 12.15 -3.24 -9.96
C GLU B 87 10.97 -2.74 -9.14
N TRP B 88 10.88 -1.41 -9.07
CA TRP B 88 9.78 -0.74 -8.43
C TRP B 88 8.90 -0.17 -9.49
N VAL B 89 7.60 -0.25 -9.26
CA VAL B 89 6.61 0.17 -10.19
C VAL B 89 5.48 0.83 -9.42
N ARG B 90 4.56 1.40 -10.19
CA ARG B 90 3.23 1.67 -9.67
C ARG B 90 2.29 0.89 -10.49
N VAL B 91 1.14 0.60 -9.94
CA VAL B 91 0.16 -0.19 -10.64
C VAL B 91 -1.10 0.69 -10.72
N GLY B 92 -1.87 0.49 -11.75
CA GLY B 92 -2.96 1.34 -12.01
C GLY B 92 -3.96 0.83 -12.98
N LEU B 93 -4.96 1.67 -13.13
CA LEU B 93 -5.98 1.45 -14.10
C LEU B 93 -6.01 2.72 -14.96
N SER B 94 -6.20 2.51 -16.25
CA SER B 94 -6.24 3.59 -17.18
C SER B 94 -7.43 3.39 -18.09
N ALA B 95 -7.93 4.48 -18.65
CA ALA B 95 -8.95 4.38 -19.64
C ALA B 95 -8.99 5.63 -20.45
N SER B 96 -9.64 5.50 -21.59
CA SER B 96 -9.72 6.61 -22.49
C SER B 96 -10.97 6.54 -23.31
N THR B 97 -11.30 7.71 -23.86
CA THR B 97 -12.29 7.80 -24.92
C THR B 97 -11.69 8.72 -25.97
N GLY B 98 -12.31 8.76 -27.14
CA GLY B 98 -11.76 9.54 -28.23
C GLY B 98 -12.91 10.20 -28.93
N LEU B 99 -13.07 9.84 -30.20
CA LEU B 99 -14.21 10.25 -31.04
C LEU B 99 -15.45 9.53 -30.58
N TYR B 100 -15.26 8.32 -30.08
CA TYR B 100 -16.36 7.59 -29.46
C TYR B 100 -16.05 7.50 -27.99
N LYS B 101 -17.08 7.22 -27.23
CA LYS B 101 -16.94 7.33 -25.79
C LYS B 101 -17.72 6.24 -25.11
N GLU B 102 -17.42 6.10 -23.84
CA GLU B 102 -18.05 5.15 -22.99
C GLU B 102 -17.76 5.59 -21.59
N THR B 103 -18.56 5.09 -20.64
CA THR B 103 -18.14 5.15 -19.26
C THR B 103 -17.02 4.15 -19.08
N ASN B 104 -16.04 4.53 -18.31
CA ASN B 104 -14.99 3.65 -17.93
C ASN B 104 -14.95 3.62 -16.43
N THR B 105 -16.02 3.07 -15.89
CA THR B 105 -16.28 3.10 -14.51
C THR B 105 -15.65 1.88 -13.88
N ILE B 106 -14.87 2.08 -12.84
CA ILE B 106 -14.34 0.97 -12.04
C ILE B 106 -15.13 0.91 -10.74
N LEU B 107 -15.63 -0.30 -10.42
CA LEU B 107 -16.44 -0.47 -9.25
C LEU B 107 -15.63 -1.13 -8.16
N SER B 108 -14.58 -1.84 -8.53
CA SER B 108 -13.67 -2.42 -7.54
C SER B 108 -12.36 -2.73 -8.18
N TRP B 109 -11.34 -2.78 -7.35
CA TRP B 109 -10.01 -3.07 -7.81
C TRP B 109 -9.21 -3.67 -6.65
N SER B 110 -8.65 -4.83 -6.90
CA SER B 110 -7.72 -5.43 -5.97
C SER B 110 -6.44 -5.81 -6.68
N PHE B 111 -5.42 -5.90 -5.88
CA PHE B 111 -4.10 -6.15 -6.37
C PHE B 111 -3.35 -6.81 -5.25
N THR B 112 -2.51 -7.77 -5.63
CA THR B 112 -1.59 -8.41 -4.74
C THR B 112 -0.29 -8.66 -5.48
N SER B 113 0.78 -8.36 -4.80
CA SER B 113 2.06 -8.72 -5.28
C SER B 113 2.83 -9.35 -4.13
N LYS B 114 3.65 -10.35 -4.44
CA LYS B 114 4.40 -11.01 -3.40
C LYS B 114 5.74 -11.29 -3.97
N LEU B 115 6.75 -11.18 -3.11
CA LEU B 115 8.08 -11.65 -3.45
C LEU B 115 8.34 -12.73 -2.44
N LYS B 116 8.64 -13.94 -2.89
CA LYS B 116 8.89 -15.06 -1.95
C LYS B 116 10.30 -15.61 -2.10
N THR B 123 8.48 -13.65 2.99
CA THR B 123 7.69 -13.01 1.95
C THR B 123 7.59 -11.50 2.19
N ASN B 124 7.77 -10.70 1.12
CA ASN B 124 7.24 -9.34 1.02
C ASN B 124 5.99 -9.37 0.19
N ALA B 125 5.03 -8.54 0.56
CA ALA B 125 3.77 -8.54 -0.15
C ALA B 125 3.10 -7.22 0.03
N LEU B 126 2.33 -6.88 -0.98
CA LEU B 126 1.43 -5.76 -0.94
C LEU B 126 0.13 -6.26 -1.42
N HIS B 127 -0.93 -5.95 -0.70
CA HIS B 127 -2.26 -6.34 -1.16
C HIS B 127 -3.15 -5.18 -0.85
N PHE B 128 -3.90 -4.71 -1.85
CA PHE B 128 -4.94 -3.72 -1.58
C PHE B 128 -6.21 -4.14 -2.27
N VAL B 129 -7.32 -3.71 -1.72
CA VAL B 129 -8.60 -3.99 -2.26
C VAL B 129 -9.43 -2.76 -2.14
N PHE B 130 -10.05 -2.34 -3.21
CA PHE B 130 -11.03 -1.28 -3.15
C PHE B 130 -12.28 -1.90 -3.64
N ASN B 131 -13.27 -2.07 -2.76
CA ASN B 131 -14.57 -2.49 -3.25
C ASN B 131 -15.51 -1.34 -3.31
N GLN B 132 -15.04 -0.21 -2.80
CA GLN B 132 -15.75 1.07 -2.86
C GLN B 132 -14.67 2.15 -2.85
N PHE B 133 -14.86 3.17 -3.69
CA PHE B 133 -13.95 4.27 -3.78
C PHE B 133 -14.59 5.46 -3.13
N SER B 134 -13.81 6.18 -2.39
CA SER B 134 -14.27 7.34 -1.69
C SER B 134 -14.05 8.52 -2.57
N LYS B 135 -14.76 9.61 -2.29
CA LYS B 135 -14.50 10.89 -2.94
C LYS B 135 -13.11 11.32 -2.76
N ASP B 136 -12.58 11.10 -1.56
CA ASP B 136 -11.20 11.43 -1.28
C ASP B 136 -10.46 10.13 -1.03
N GLN B 137 -10.12 9.47 -2.11
CA GLN B 137 -9.47 8.17 -2.00
C GLN B 137 -7.97 8.43 -1.89
N LYS B 138 -7.50 8.65 -0.68
CA LYS B 138 -6.16 9.18 -0.48
C LYS B 138 -5.03 8.26 -0.92
N ASP B 139 -5.33 6.98 -1.06
CA ASP B 139 -4.34 5.99 -1.46
C ASP B 139 -4.39 5.70 -2.95
N LEU B 140 -5.07 6.59 -3.68
CA LEU B 140 -5.07 6.52 -5.11
C LEU B 140 -4.47 7.80 -5.63
N ILE B 141 -3.63 7.68 -6.64
CA ILE B 141 -3.16 8.86 -7.35
C ILE B 141 -4.00 8.94 -8.61
N LEU B 142 -4.83 9.96 -8.70
CA LEU B 142 -5.65 10.11 -9.86
C LEU B 142 -4.95 11.02 -10.86
N GLN B 143 -4.96 10.62 -12.10
CA GLN B 143 -4.32 11.36 -13.14
C GLN B 143 -5.35 11.68 -14.21
N GLY B 144 -5.18 12.83 -14.86
CA GLY B 144 -6.01 13.17 -15.98
C GLY B 144 -7.41 13.34 -15.50
N ASP B 145 -8.34 12.73 -16.22
CA ASP B 145 -9.76 12.91 -15.97
C ASP B 145 -10.31 12.02 -14.88
N ALA B 146 -9.48 11.10 -14.37
CA ALA B 146 -9.98 10.14 -13.39
C ALA B 146 -10.46 10.83 -12.14
N THR B 147 -11.61 10.42 -11.66
CA THR B 147 -12.22 10.93 -10.44
C THR B 147 -12.82 9.82 -9.63
N THR B 148 -12.86 10.00 -8.32
CA THR B 148 -13.71 9.18 -7.45
C THR B 148 -14.83 9.96 -6.77
N GLY B 149 -15.62 9.22 -5.96
CA GLY B 149 -16.72 9.71 -5.00
C GLY B 149 -17.73 10.35 -5.87
N THR B 150 -19.03 10.38 -5.52
CA THR B 150 -19.61 9.93 -4.26
C THR B 150 -20.43 8.64 -4.45
N ASP B 151 -20.35 8.01 -5.61
CA ASP B 151 -21.18 6.84 -5.89
C ASP B 151 -20.42 5.51 -5.63
N GLY B 152 -19.30 5.62 -4.92
CA GLY B 152 -18.47 4.50 -4.65
C GLY B 152 -17.62 4.03 -5.82
N ASN B 153 -17.68 4.73 -6.96
CA ASN B 153 -16.93 4.26 -8.09
C ASN B 153 -15.79 5.14 -8.45
N LEU B 154 -14.91 4.60 -9.29
CA LEU B 154 -13.78 5.32 -9.85
C LEU B 154 -14.10 5.53 -11.27
N GLU B 155 -14.29 6.79 -11.67
CA GLU B 155 -14.58 7.10 -13.05
C GLU B 155 -13.30 7.47 -13.72
N LEU B 156 -12.75 6.55 -14.50
CA LEU B 156 -11.45 6.77 -15.11
C LEU B 156 -11.49 7.91 -16.13
N THR B 157 -12.56 7.99 -16.89
CA THR B 157 -12.74 9.09 -17.86
C THR B 157 -13.95 9.90 -17.49
N ARG B 158 -14.03 11.05 -18.14
CA ARG B 158 -14.94 12.10 -17.72
C ARG B 158 -16.34 11.62 -17.96
N VAL B 159 -17.18 11.85 -16.95
CA VAL B 159 -18.60 11.63 -17.12
C VAL B 159 -19.26 12.95 -16.74
N SER B 160 -20.23 13.42 -17.53
CA SER B 160 -20.89 14.66 -17.15
C SER B 160 -21.83 14.36 -15.99
N SER B 161 -22.32 15.40 -15.33
CA SER B 161 -23.22 15.22 -14.20
C SER B 161 -24.51 14.46 -14.59
N ASN B 162 -24.96 14.62 -15.84
CA ASN B 162 -26.12 13.91 -16.33
C ASN B 162 -25.83 12.44 -16.55
N GLY B 163 -24.56 12.06 -16.41
CA GLY B 163 -24.17 10.66 -16.45
C GLY B 163 -23.57 10.25 -17.79
N SER B 164 -23.60 11.12 -18.79
CA SER B 164 -23.08 10.69 -20.05
C SER B 164 -21.55 10.80 -20.05
N PRO B 165 -20.90 9.78 -20.58
CA PRO B 165 -19.46 9.83 -20.70
C PRO B 165 -19.09 10.94 -21.68
N GLN B 166 -17.85 11.42 -21.61
CA GLN B 166 -17.33 12.35 -22.58
C GLN B 166 -16.22 11.70 -23.42
N GLY B 167 -16.07 12.22 -24.64
CA GLY B 167 -15.03 11.81 -25.53
C GLY B 167 -13.75 12.55 -25.21
N SER B 168 -12.70 12.23 -25.94
CA SER B 168 -11.35 12.74 -25.77
C SER B 168 -10.97 12.88 -24.33
N SER B 169 -11.24 11.82 -23.57
CA SER B 169 -10.99 11.85 -22.12
C SER B 169 -9.96 10.78 -21.89
N VAL B 170 -9.08 11.03 -20.94
CA VAL B 170 -8.15 10.04 -20.53
C VAL B 170 -7.96 10.20 -19.03
N GLY B 171 -7.89 9.09 -18.32
CA GLY B 171 -7.58 9.20 -16.92
C GLY B 171 -7.08 7.87 -16.37
N ARG B 172 -6.37 7.96 -15.26
CA ARG B 172 -5.82 6.81 -14.59
C ARG B 172 -5.79 6.99 -13.11
N ALA B 173 -5.68 5.86 -12.43
CA ALA B 173 -5.70 5.80 -11.01
C ALA B 173 -4.58 4.84 -10.71
N LEU B 174 -3.60 5.29 -9.93
CA LEU B 174 -2.50 4.44 -9.54
C LEU B 174 -2.55 4.26 -8.05
N PHE B 175 -2.16 3.08 -7.59
CA PHE B 175 -2.13 2.90 -6.20
C PHE B 175 -1.02 3.80 -5.68
N TYR B 176 -1.23 4.35 -4.50
CA TYR B 176 -0.33 5.37 -4.01
C TYR B 176 1.10 4.87 -3.81
N ALA B 177 1.25 3.68 -3.25
CA ALA B 177 2.56 3.20 -2.88
C ALA B 177 3.18 2.58 -4.11
N PRO B 178 4.47 2.79 -4.26
CA PRO B 178 5.24 2.00 -5.19
C PRO B 178 5.17 0.54 -4.78
N VAL B 179 5.33 -0.34 -5.75
CA VAL B 179 5.24 -1.76 -5.56
C VAL B 179 6.56 -2.32 -5.99
N HIS B 180 7.10 -3.17 -5.14
CA HIS B 180 8.32 -3.85 -5.42
C HIS B 180 7.99 -5.10 -6.23
N ILE B 181 8.03 -4.98 -7.55
CA ILE B 181 7.44 -5.97 -8.42
C ILE B 181 8.32 -7.18 -8.70
N TRP B 182 9.63 -6.96 -8.67
CA TRP B 182 10.56 -8.06 -8.68
C TRP B 182 11.73 -7.70 -7.83
N GLU B 183 12.48 -8.71 -7.39
CA GLU B 183 13.63 -8.49 -6.53
C GLU B 183 14.47 -9.70 -6.84
N SER B 184 15.75 -9.47 -7.11
CA SER B 184 16.59 -10.55 -7.61
C SER B 184 16.69 -11.74 -6.71
N SER B 185 16.61 -11.55 -5.40
CA SER B 185 16.73 -12.65 -4.47
C SER B 185 15.46 -13.51 -4.43
N ALA B 186 14.35 -13.01 -5.00
CA ALA B 186 13.07 -13.67 -4.84
C ALA B 186 13.05 -14.92 -5.70
N VAL B 187 12.49 -15.97 -5.16
CA VAL B 187 12.35 -17.20 -5.87
C VAL B 187 11.12 -17.06 -6.70
N VAL B 188 10.09 -16.50 -6.10
CA VAL B 188 8.87 -16.22 -6.80
C VAL B 188 8.50 -14.76 -6.64
N ALA B 189 8.07 -14.14 -7.69
CA ALA B 189 7.46 -12.82 -7.65
C ALA B 189 6.21 -12.98 -8.47
N SER B 190 5.08 -12.78 -7.82
CA SER B 190 3.80 -12.97 -8.42
C SER B 190 3.03 -11.66 -8.30
N PHE B 191 2.10 -11.44 -9.20
CA PHE B 191 1.09 -10.45 -8.91
C PHE B 191 -0.25 -10.91 -9.47
N ASP B 192 -1.28 -10.38 -8.87
CA ASP B 192 -2.61 -10.61 -9.34
C ASP B 192 -3.34 -9.32 -9.26
N ALA B 193 -4.24 -9.09 -10.20
CA ALA B 193 -5.12 -7.92 -10.13
C ALA B 193 -6.48 -8.35 -10.56
N THR B 194 -7.48 -7.77 -9.91
CA THR B 194 -8.85 -7.95 -10.30
C THR B 194 -9.45 -6.56 -10.29
N PHE B 195 -10.24 -6.28 -11.30
CA PHE B 195 -11.12 -5.14 -11.21
C PHE B 195 -12.46 -5.44 -11.88
N THR B 196 -13.45 -4.73 -11.43
CA THR B 196 -14.76 -4.76 -12.04
C THR B 196 -15.05 -3.39 -12.58
N PHE B 197 -15.80 -3.39 -13.66
CA PHE B 197 -15.94 -2.20 -14.44
C PHE B 197 -17.29 -2.23 -15.08
N LEU B 198 -17.70 -1.06 -15.51
CA LEU B 198 -18.98 -0.94 -16.16
C LEU B 198 -18.72 -0.01 -17.29
N ILE B 199 -18.67 -0.56 -18.49
CA ILE B 199 -18.54 0.21 -19.70
C ILE B 199 -19.91 0.26 -20.34
N LYS B 200 -20.35 1.49 -20.55
CA LYS B 200 -21.65 1.76 -21.11
C LYS B 200 -21.52 2.92 -22.08
N SER B 201 -22.24 2.83 -23.17
CA SER B 201 -22.21 3.87 -24.18
C SER B 201 -23.50 3.84 -24.92
N SER B 202 -23.95 4.99 -25.35
CA SER B 202 -25.06 5.03 -26.31
C SER B 202 -24.48 5.53 -27.64
N ASP B 203 -23.14 5.61 -27.75
CA ASP B 203 -22.55 5.97 -29.02
C ASP B 203 -22.79 4.95 -30.11
N SER B 204 -22.53 5.37 -31.35
CA SER B 204 -22.44 4.46 -32.46
C SER B 204 -21.55 3.27 -32.17
N HIS B 205 -20.42 3.52 -31.55
CA HIS B 205 -19.55 2.43 -31.07
C HIS B 205 -19.03 2.92 -29.75
N PRO B 206 -18.82 2.03 -28.77
CA PRO B 206 -18.07 2.47 -27.59
C PRO B 206 -16.60 2.60 -27.91
N ALA B 207 -15.92 3.45 -27.16
CA ALA B 207 -14.46 3.53 -27.19
C ALA B 207 -14.04 4.22 -25.91
N ASP B 208 -12.79 4.05 -25.48
CA ASP B 208 -11.75 3.25 -26.10
C ASP B 208 -11.32 2.01 -25.33
N GLY B 209 -11.57 2.03 -24.05
CA GLY B 209 -11.30 0.86 -23.23
C GLY B 209 -10.71 1.24 -21.92
N ILE B 210 -10.40 0.18 -21.13
CA ILE B 210 -9.81 0.26 -19.84
C ILE B 210 -8.59 -0.65 -19.87
N ALA B 211 -7.54 -0.24 -19.17
CA ALA B 211 -6.38 -1.11 -18.96
C ALA B 211 -5.96 -1.16 -17.52
N PHE B 212 -5.53 -2.31 -17.10
CA PHE B 212 -4.75 -2.42 -15.90
C PHE B 212 -3.31 -2.37 -16.36
N PHE B 213 -2.52 -1.60 -15.66
CA PHE B 213 -1.15 -1.39 -16.11
C PHE B 213 -0.22 -1.32 -14.94
N ILE B 214 1.03 -1.56 -15.28
CA ILE B 214 2.12 -1.49 -14.38
C ILE B 214 3.14 -0.64 -15.11
N SER B 215 3.66 0.30 -14.37
CA SER B 215 4.50 1.34 -14.93
C SER B 215 5.65 1.64 -14.02
N ASN B 216 6.64 2.36 -14.54
CA ASN B 216 7.56 3.10 -13.68
C ASN B 216 6.81 3.90 -12.65
N ILE B 217 7.42 4.09 -11.49
CA ILE B 217 6.78 4.74 -10.36
C ILE B 217 6.25 6.12 -10.66
N ASP B 218 6.92 6.83 -11.58
CA ASP B 218 6.63 8.24 -11.84
C ASP B 218 5.90 8.38 -13.15
N SER B 219 5.19 7.32 -13.52
CA SER B 219 4.49 7.31 -14.78
C SER B 219 3.37 8.36 -14.76
N SER B 220 3.19 9.06 -15.89
CA SER B 220 2.13 10.05 -16.03
C SER B 220 1.45 9.74 -17.35
N ILE B 221 0.26 10.27 -17.52
CA ILE B 221 -0.48 10.09 -18.75
C ILE B 221 0.36 10.71 -19.83
N PRO B 222 0.77 9.97 -20.84
CA PRO B 222 1.53 10.59 -21.93
C PRO B 222 0.67 11.60 -22.65
N SER B 223 1.26 12.67 -23.15
CA SER B 223 0.41 13.66 -23.80
C SER B 223 -0.21 13.05 -25.05
N GLY B 224 -1.45 13.43 -25.30
CA GLY B 224 -2.15 13.00 -26.46
C GLY B 224 -2.53 11.54 -26.42
N SER B 225 -2.69 10.98 -25.20
CA SER B 225 -2.93 9.53 -25.08
C SER B 225 -4.42 9.21 -24.87
N THR B 226 -5.29 10.07 -25.39
CA THR B 226 -6.71 9.75 -25.36
C THR B 226 -6.90 8.76 -26.48
N GLY B 227 -8.14 8.39 -26.73
CA GLY B 227 -8.50 7.51 -27.78
C GLY B 227 -7.77 6.20 -27.73
N ARG B 228 -7.15 5.88 -28.86
CA ARG B 228 -6.57 4.56 -29.15
C ARG B 228 -5.43 4.21 -28.18
N LEU B 229 -4.86 5.20 -27.54
CA LEU B 229 -3.61 5.02 -26.80
C LEU B 229 -3.88 4.70 -25.33
N LEU B 230 -5.16 4.80 -24.94
CA LEU B 230 -5.67 4.22 -23.69
C LEU B 230 -5.08 4.84 -22.46
N GLY B 231 -4.56 6.06 -22.61
CA GLY B 231 -3.81 6.70 -21.56
C GLY B 231 -2.49 6.08 -21.19
N LEU B 232 -2.04 5.13 -21.95
CA LEU B 232 -0.83 4.36 -21.57
C LEU B 232 0.40 4.69 -22.38
N PHE B 233 0.22 5.08 -23.65
CA PHE B 233 1.37 5.27 -24.53
C PHE B 233 1.35 6.61 -25.23
N PRO B 234 2.54 7.13 -25.52
CA PRO B 234 2.68 8.40 -26.25
C PRO B 234 2.42 8.25 -27.76
N ASP B 235 2.49 7.04 -28.27
CA ASP B 235 2.25 6.79 -29.66
C ASP B 235 1.81 5.37 -29.84
N ALA B 236 1.47 5.04 -31.09
CA ALA B 236 0.92 3.76 -31.40
C ALA B 236 1.96 2.74 -31.89
N ASN B 237 3.24 2.97 -31.62
CA ASN B 237 4.29 2.13 -32.17
C ASN B 237 4.26 0.73 -31.56
C1 GLC C . 19.12 12.67 33.35
C2 GLC C . 19.96 12.97 32.10
C3 GLC C . 19.11 12.75 30.86
C4 GLC C . 18.59 11.31 30.81
C5 GLC C . 18.05 10.83 32.17
C6 GLC C . 17.99 9.32 32.26
O2 GLC C . 20.40 14.33 32.14
O3 GLC C . 19.78 13.11 29.63
O4 GLC C . 17.49 11.37 29.89
O5 GLC C . 18.81 11.27 33.32
O6 GLC C . 17.01 9.03 33.26
C1 GLC C . 17.84 11.13 28.53
C2 GLC C . 16.70 11.67 27.66
C3 GLC C . 15.43 10.87 27.90
C4 GLC C . 15.74 9.39 27.70
C5 GLC C . 16.89 8.94 28.60
C6 GLC C . 17.33 7.49 28.34
O2 GLC C . 16.47 13.03 28.00
O3 GLC C . 14.44 11.37 26.98
O4 GLC C . 14.65 8.54 28.03
O5 GLC C . 18.03 9.74 28.36
O6 GLC C . 17.84 7.33 27.00
C1 GLC D . -10.03 9.30 -37.76
C2 GLC D . -9.79 10.53 -36.89
C3 GLC D . -9.46 10.16 -35.45
C4 GLC D . -10.40 9.10 -34.87
C5 GLC D . -10.66 7.96 -35.88
C6 GLC D . -11.71 6.98 -35.35
O2 GLC D . -8.69 11.31 -37.42
O3 GLC D . -9.53 11.32 -34.62
O4 GLC D . -9.80 8.63 -33.66
O5 GLC D . -11.04 8.51 -37.15
O6 GLC D . -12.87 6.94 -36.21
C1 GLC D . -10.33 9.07 -32.37
C2 GLC D . -9.28 8.97 -31.26
C3 GLC D . -8.67 7.59 -31.45
C4 GLC D . -9.81 6.65 -30.92
C5 GLC D . -11.09 6.86 -31.76
C6 GLC D . -12.32 6.18 -31.14
O2 GLC D . -8.32 10.03 -31.23
O3 GLC D . -7.29 7.62 -30.93
O4 GLC D . -9.60 5.26 -31.05
O5 GLC D . -11.44 8.24 -31.93
O6 GLC D . -12.65 6.76 -29.86
CA CA E . 10.44 5.28 28.61
MN MN F . 6.48 4.20 28.57
CA CA G . -8.38 0.24 -29.66
MN MN H . -5.98 -2.99 -28.75
#